data_3MII
#
_entry.id   3MII
#
_cell.length_a   96.420
_cell.length_b   96.420
_cell.length_c   132.230
_cell.angle_alpha   90.00
_cell.angle_beta   90.00
_cell.angle_gamma   90.00
#
_symmetry.space_group_name_H-M   'P 43 21 2'
#
loop_
_entity.id
_entity.type
_entity.pdbx_description
1 polymer 'Probable chaperone protein HSP33'
2 non-polymer 'TRIETHYLENE GLYCOL'
3 non-polymer GLYCEROL
4 non-polymer 'SULFATE ION'
5 water water
#
_entity_poly.entity_id   1
_entity_poly.type   'polypeptide(L)'
_entity_poly.pdbx_seq_one_letter_code
;MGHHHHHHMTPKRALISLTSYHGPFYKDGAKTGVFVVEILRSFDTFEKHGFEVDFVSETGGFGWDEHYLPKSFIGGEDKM
NFETKNSAFNKALARIKTANEVNASDYKVFFASAGHGALFDYPKAKNLQDIASKIYANGGVIAAI(CSO)HGPLLFDGLI
DIKTTRPLIEGKAITGFPLEGEIALGVDDILRSRKLTTVERVANKNGAKYLAPIHPWDDYSITDGKLVTGVNANSSYSTT
IRAINALYS
;
_entity_poly.pdbx_strand_id   A,B
#
# COMPACT_ATOMS: atom_id res chain seq x y z
N LYS A 12 0.02 27.12 9.05
CA LYS A 12 -0.25 25.70 8.65
C LYS A 12 -1.67 25.28 8.99
N ARG A 13 -2.53 25.23 7.97
CA ARG A 13 -3.93 24.87 8.16
C ARG A 13 -4.30 23.64 7.36
N ALA A 14 -5.08 22.76 7.99
CA ALA A 14 -5.66 21.60 7.32
C ALA A 14 -7.18 21.73 7.34
N LEU A 15 -7.80 21.25 6.27
CA LEU A 15 -9.25 21.30 6.15
C LEU A 15 -9.78 19.87 5.99
N ILE A 16 -10.62 19.46 6.92
CA ILE A 16 -11.24 18.14 6.86
C ILE A 16 -12.69 18.29 6.45
N SER A 17 -13.05 17.63 5.35
CA SER A 17 -14.43 17.65 4.88
C SER A 17 -15.20 16.49 5.50
N LEU A 18 -16.48 16.72 5.76
CA LEU A 18 -17.38 15.65 6.17
C LEU A 18 -18.42 15.46 5.09
N THR A 19 -18.94 14.24 4.98
CA THR A 19 -20.16 14.02 4.21
C THR A 19 -21.32 14.77 4.88
N SER A 20 -22.14 15.43 4.05
CA SER A 20 -23.26 16.21 4.55
C SER A 20 -24.55 15.40 4.59
N TYR A 21 -24.55 14.28 3.88
CA TYR A 21 -25.72 13.41 3.82
C TYR A 21 -25.86 12.59 5.09
N HIS A 22 -27.04 12.64 5.69
CA HIS A 22 -27.36 11.80 6.85
C HIS A 22 -28.79 11.28 6.81
N GLY A 23 -29.26 10.99 5.59
CA GLY A 23 -30.58 10.39 5.37
C GLY A 23 -30.52 8.87 5.36
N PRO A 24 -31.63 8.22 4.95
CA PRO A 24 -31.73 6.76 4.96
C PRO A 24 -30.72 6.06 4.06
N PHE A 25 -30.40 4.82 4.43
CA PHE A 25 -29.43 4.01 3.71
C PHE A 25 -29.68 2.55 4.06
N TYR A 26 -29.59 2.25 5.35
CA TYR A 26 -29.70 0.89 5.85
C TYR A 26 -31.10 0.31 5.72
N LYS A 27 -31.17 -1.00 5.57
CA LYS A 27 -32.43 -1.71 5.37
C LYS A 27 -33.36 -1.73 6.59
N ASP A 28 -32.80 -1.49 7.78
CA ASP A 28 -33.59 -1.47 9.02
C ASP A 28 -34.16 -0.09 9.36
N GLY A 29 -34.07 0.84 8.42
CA GLY A 29 -34.57 2.20 8.63
C GLY A 29 -33.56 3.17 9.21
N ALA A 30 -32.46 2.64 9.75
CA ALA A 30 -31.40 3.47 10.33
C ALA A 30 -30.72 4.31 9.27
N LYS A 31 -30.32 5.53 9.66
CA LYS A 31 -29.71 6.48 8.73
C LYS A 31 -28.19 6.40 8.73
N THR A 32 -27.58 6.76 7.62
CA THR A 32 -26.13 6.82 7.52
C THR A 32 -25.63 8.25 7.76
N GLY A 33 -24.33 8.47 7.58
CA GLY A 33 -23.74 9.79 7.78
C GLY A 33 -22.23 9.72 7.93
N VAL A 34 -21.73 10.46 8.92
CA VAL A 34 -20.29 10.52 9.22
C VAL A 34 -19.91 9.40 10.18
N PHE A 35 -18.75 8.79 9.94
CA PHE A 35 -18.14 7.90 10.92
C PHE A 35 -17.16 8.73 11.75
N VAL A 36 -17.56 9.03 12.98
CA VAL A 36 -16.87 9.99 13.85
C VAL A 36 -15.39 9.66 14.13
N VAL A 37 -15.06 8.37 14.15
CA VAL A 37 -13.69 7.92 14.44
C VAL A 37 -12.72 8.50 13.41
N GLU A 38 -13.12 8.51 12.14
CA GLU A 38 -12.33 9.07 11.05
C GLU A 38 -11.87 10.51 11.33
N ILE A 39 -12.79 11.38 11.73
CA ILE A 39 -12.45 12.79 11.95
C ILE A 39 -11.72 13.04 13.27
N LEU A 40 -12.04 12.26 14.30
CA LEU A 40 -11.34 12.35 15.58
C LEU A 40 -9.85 12.04 15.42
N ARG A 41 -9.54 10.90 14.80
CA ARG A 41 -8.15 10.48 14.59
C ARG A 41 -7.38 11.45 13.69
N SER A 42 -8.04 11.93 12.64
CA SER A 42 -7.41 12.83 11.69
C SER A 42 -7.16 14.21 12.29
N PHE A 43 -8.18 14.75 12.96
CA PHE A 43 -8.07 16.04 13.64
C PHE A 43 -6.91 16.04 14.63
N ASP A 44 -6.87 15.03 15.50
CA ASP A 44 -5.86 14.91 16.55
C ASP A 44 -4.44 14.80 15.99
N THR A 45 -4.29 14.00 14.93
CA THR A 45 -3.00 13.76 14.31
C THR A 45 -2.43 15.01 13.64
N PHE A 46 -3.29 15.73 12.92
CA PHE A 46 -2.92 17.02 12.33
C PHE A 46 -2.46 18.02 13.39
N GLU A 47 -3.25 18.17 14.45
CA GLU A 47 -2.99 19.18 15.47
C GLU A 47 -1.77 18.88 16.35
N LYS A 48 -1.48 17.60 16.53
CA LYS A 48 -0.26 17.17 17.20
C LYS A 48 0.99 17.36 16.32
N HIS A 49 0.76 17.61 15.02
CA HIS A 49 1.85 17.83 14.08
C HIS A 49 1.90 19.26 13.54
N GLY A 50 1.34 20.19 14.31
CA GLY A 50 1.50 21.63 14.06
C GLY A 50 0.49 22.29 13.13
N PHE A 51 -0.59 21.59 12.80
CA PHE A 51 -1.63 22.13 11.93
C PHE A 51 -2.83 22.64 12.72
N GLU A 52 -3.43 23.75 12.26
CA GLU A 52 -4.70 24.23 12.80
C GLU A 52 -5.83 23.75 11.90
N VAL A 53 -6.74 22.95 12.45
CA VAL A 53 -7.74 22.25 11.66
C VAL A 53 -9.14 22.88 11.72
N ASP A 54 -9.74 23.02 10.54
CA ASP A 54 -11.14 23.41 10.40
C ASP A 54 -11.92 22.30 9.73
N PHE A 55 -13.20 22.21 10.07
CA PHE A 55 -14.10 21.27 9.42
C PHE A 55 -14.96 21.99 8.39
N VAL A 56 -15.49 21.22 7.45
CA VAL A 56 -16.31 21.74 6.36
C VAL A 56 -17.17 20.62 5.78
N SER A 57 -18.33 20.98 5.24
CA SER A 57 -19.12 20.08 4.40
C SER A 57 -19.77 20.90 3.28
N GLU A 58 -20.36 20.22 2.30
CA GLU A 58 -20.99 20.88 1.16
C GLU A 58 -22.14 21.81 1.59
N THR A 59 -22.89 21.39 2.62
CA THR A 59 -24.06 22.13 3.07
C THR A 59 -23.81 22.93 4.36
N GLY A 60 -22.72 22.60 5.06
CA GLY A 60 -22.46 23.16 6.38
C GLY A 60 -23.03 22.29 7.49
N GLY A 61 -23.84 21.29 7.10
CA GLY A 61 -24.45 20.37 8.04
C GLY A 61 -23.97 18.94 7.86
N PHE A 62 -24.33 18.08 8.82
CA PHE A 62 -23.91 16.67 8.83
C PHE A 62 -24.67 15.91 9.91
N GLY A 63 -24.48 14.59 9.94
CA GLY A 63 -25.01 13.75 11.01
C GLY A 63 -24.18 12.49 11.17
N TRP A 64 -24.25 11.87 12.35
CA TRP A 64 -23.54 10.62 12.59
C TRP A 64 -24.32 9.46 12.01
N ASP A 65 -23.61 8.54 11.34
CA ASP A 65 -24.20 7.28 10.92
C ASP A 65 -24.82 6.62 12.15
N GLU A 66 -26.08 6.21 12.03
CA GLU A 66 -26.83 5.70 13.18
C GLU A 66 -26.41 4.30 13.64
N HIS A 67 -25.81 3.53 12.73
CA HIS A 67 -25.21 2.23 13.08
C HIS A 67 -23.80 2.39 13.65
N TYR A 68 -23.31 3.63 13.66
CA TYR A 68 -21.98 3.93 14.18
C TYR A 68 -22.02 5.16 15.08
N LEU A 69 -22.97 5.18 16.01
CA LEU A 69 -23.09 6.23 17.02
C LEU A 69 -21.79 6.37 17.81
N PRO A 70 -21.34 7.62 18.03
CA PRO A 70 -20.10 7.92 18.74
C PRO A 70 -19.85 7.04 19.98
N LYS A 71 -20.72 7.13 20.97
CA LYS A 71 -20.54 6.43 22.26
C LYS A 71 -20.41 4.91 22.13
N SER A 72 -20.89 4.36 21.02
CA SER A 72 -20.77 2.93 20.74
C SER A 72 -19.40 2.54 20.17
N PHE A 73 -18.66 3.52 19.65
CA PHE A 73 -17.42 3.23 18.93
C PHE A 73 -16.16 3.98 19.40
N ILE A 74 -16.34 5.11 20.06
CA ILE A 74 -15.20 5.96 20.44
C ILE A 74 -14.48 5.48 21.70
N GLY A 75 -13.16 5.43 21.63
CA GLY A 75 -12.33 4.99 22.74
C GLY A 75 -11.03 5.77 22.86
N GLY A 76 -10.35 5.61 23.98
CA GLY A 76 -9.09 6.31 24.24
C GLY A 76 -9.29 7.76 24.61
N GLU A 77 -8.38 8.62 24.15
CA GLU A 77 -8.42 10.04 24.48
C GLU A 77 -9.30 10.88 23.55
N ASP A 78 -9.65 10.32 22.39
CA ASP A 78 -10.60 11.00 21.51
C ASP A 78 -12.05 10.79 21.96
N LYS A 79 -12.24 9.80 22.83
CA LYS A 79 -13.50 9.63 23.55
C LYS A 79 -13.70 10.83 24.50
N MET A 80 -12.61 11.24 25.16
CA MET A 80 -12.63 12.42 26.03
C MET A 80 -12.76 13.70 25.20
N ASN A 81 -12.05 13.77 24.08
CA ASN A 81 -12.11 14.91 23.17
C ASN A 81 -13.50 15.18 22.62
N PHE A 82 -14.23 14.11 22.30
CA PHE A 82 -15.61 14.23 21.83
C PHE A 82 -16.57 14.69 22.94
N GLU A 83 -16.40 14.13 24.14
CA GLU A 83 -17.31 14.36 25.26
C GLU A 83 -17.08 15.68 26.00
N THR A 84 -15.83 16.12 26.07
CA THR A 84 -15.50 17.43 26.66
C THR A 84 -15.99 18.51 25.70
N LYS A 85 -16.99 19.26 26.15
CA LYS A 85 -17.68 20.24 25.31
C LYS A 85 -16.77 21.36 24.80
N ASN A 86 -15.78 21.72 25.59
CA ASN A 86 -14.90 22.85 25.28
C ASN A 86 -13.54 22.44 24.67
N SER A 87 -13.45 21.20 24.20
CA SER A 87 -12.23 20.68 23.60
C SER A 87 -11.93 21.34 22.25
N ALA A 88 -10.71 21.13 21.75
CA ALA A 88 -10.29 21.66 20.46
C ALA A 88 -11.12 21.07 19.31
N PHE A 89 -11.46 19.79 19.43
CA PHE A 89 -12.26 19.09 18.43
C PHE A 89 -13.69 19.65 18.33
N ASN A 90 -14.29 19.92 19.49
CA ASN A 90 -15.66 20.43 19.54
C ASN A 90 -15.78 21.89 19.14
N LYS A 91 -14.74 22.69 19.42
CA LYS A 91 -14.71 24.09 18.99
C LYS A 91 -14.68 24.20 17.47
N ALA A 92 -13.94 23.28 16.84
CA ALA A 92 -13.82 23.26 15.38
C ALA A 92 -15.09 22.71 14.74
N LEU A 93 -15.64 21.65 15.34
CA LEU A 93 -16.87 21.02 14.83
C LEU A 93 -18.08 21.95 14.90
N ALA A 94 -18.17 22.73 15.99
CA ALA A 94 -19.21 23.73 16.14
C ALA A 94 -19.03 24.88 15.15
N ARG A 95 -17.78 25.12 14.74
CA ARG A 95 -17.44 26.15 13.78
C ARG A 95 -17.48 25.65 12.34
N ILE A 96 -18.04 24.45 12.13
CA ILE A 96 -18.05 23.81 10.81
C ILE A 96 -18.47 24.79 9.70
N LYS A 97 -17.70 24.80 8.62
CA LYS A 97 -17.88 25.76 7.54
C LYS A 97 -18.74 25.19 6.43
N THR A 98 -19.34 26.08 5.65
CA THR A 98 -20.09 25.71 4.45
C THR A 98 -19.17 25.91 3.25
N ALA A 99 -19.05 24.86 2.43
CA ALA A 99 -18.05 24.80 1.36
C ALA A 99 -17.92 26.06 0.51
N ASN A 100 -19.05 26.60 0.04
CA ASN A 100 -19.03 27.78 -0.84
C ASN A 100 -18.50 29.06 -0.20
N GLU A 101 -18.42 29.07 1.14
CA GLU A 101 -17.95 30.22 1.89
C GLU A 101 -16.46 30.13 2.25
N VAL A 102 -15.84 29.00 1.90
CA VAL A 102 -14.44 28.74 2.26
C VAL A 102 -13.45 29.35 1.27
N ASN A 103 -12.42 29.98 1.80
CA ASN A 103 -11.29 30.46 1.00
C ASN A 103 -10.18 29.41 0.95
N ALA A 104 -9.98 28.83 -0.23
CA ALA A 104 -9.06 27.70 -0.41
C ALA A 104 -7.59 28.03 -0.13
N SER A 105 -7.21 29.28 -0.34
CA SER A 105 -5.82 29.72 -0.15
C SER A 105 -5.38 29.71 1.32
N ASP A 106 -6.34 29.58 2.23
CA ASP A 106 -6.06 29.46 3.67
C ASP A 106 -5.44 28.10 4.04
N TYR A 107 -5.67 27.08 3.22
CA TYR A 107 -5.32 25.72 3.58
C TYR A 107 -4.28 25.10 2.66
N LYS A 108 -3.42 24.28 3.25
CA LYS A 108 -2.37 23.58 2.51
C LYS A 108 -2.66 22.08 2.37
N VAL A 109 -3.58 21.57 3.19
CA VAL A 109 -3.98 20.16 3.13
C VAL A 109 -5.50 20.02 3.16
N PHE A 110 -6.04 19.27 2.21
CA PHE A 110 -7.45 18.90 2.17
C PHE A 110 -7.60 17.41 2.48
N PHE A 111 -8.37 17.10 3.52
CA PHE A 111 -8.57 15.71 3.97
C PHE A 111 -10.04 15.35 3.89
N ALA A 112 -10.37 14.36 3.06
CA ALA A 112 -11.76 13.97 2.86
C ALA A 112 -12.14 12.76 3.71
N SER A 113 -12.81 13.04 4.83
CA SER A 113 -13.35 11.99 5.69
C SER A 113 -14.67 11.51 5.12
N ALA A 114 -15.14 10.37 5.60
CA ALA A 114 -16.32 9.75 5.01
C ALA A 114 -17.26 9.07 6.00
N GLY A 115 -17.77 7.90 5.56
CA GLY A 115 -18.91 7.23 6.18
C GLY A 115 -19.74 6.92 4.96
N HIS A 116 -20.75 6.06 5.10
CA HIS A 116 -21.54 5.69 3.92
C HIS A 116 -22.34 6.85 3.33
N GLY A 117 -22.38 7.97 4.04
CA GLY A 117 -23.05 9.18 3.55
C GLY A 117 -22.37 9.78 2.32
N ALA A 118 -21.04 9.64 2.26
CA ALA A 118 -20.24 10.16 1.16
C ALA A 118 -20.66 9.58 -0.19
N LEU A 119 -21.38 8.45 -0.14
CA LEU A 119 -21.91 7.81 -1.35
C LEU A 119 -22.93 8.71 -2.06
N PHE A 120 -23.53 9.61 -1.30
CA PHE A 120 -24.64 10.43 -1.80
C PHE A 120 -24.20 11.82 -2.27
N ASP A 121 -23.41 12.51 -1.46
CA ASP A 121 -23.08 13.92 -1.72
C ASP A 121 -21.72 14.17 -2.38
N TYR A 122 -20.71 13.39 -2.00
CA TYR A 122 -19.33 13.62 -2.44
C TYR A 122 -19.13 13.69 -3.97
N PRO A 123 -19.70 12.73 -4.74
CA PRO A 123 -19.57 12.79 -6.20
C PRO A 123 -20.19 14.03 -6.84
N LYS A 124 -21.07 14.72 -6.12
CA LYS A 124 -21.75 15.91 -6.62
C LYS A 124 -21.38 17.18 -5.85
N ALA A 125 -20.47 17.05 -4.89
CA ALA A 125 -20.05 18.16 -4.02
C ALA A 125 -19.12 19.13 -4.76
N LYS A 126 -19.70 19.94 -5.64
CA LYS A 126 -18.92 20.82 -6.52
C LYS A 126 -18.10 21.89 -5.79
N ASN A 127 -18.62 22.35 -4.65
CA ASN A 127 -17.91 23.35 -3.86
C ASN A 127 -16.69 22.80 -3.12
N LEU A 128 -16.83 21.63 -2.50
CA LEU A 128 -15.68 20.94 -1.89
C LEU A 128 -14.63 20.58 -2.94
N GLN A 129 -15.08 20.15 -4.11
CA GLN A 129 -14.18 19.81 -5.22
C GLN A 129 -13.40 21.04 -5.68
N ASP A 130 -14.09 22.17 -5.79
CA ASP A 130 -13.45 23.44 -6.10
C ASP A 130 -12.35 23.77 -5.09
N ILE A 131 -12.66 23.64 -3.80
CA ILE A 131 -11.68 23.86 -2.73
C ILE A 131 -10.47 22.92 -2.88
N ALA A 132 -10.74 21.62 -2.96
CA ALA A 132 -9.68 20.61 -3.08
C ALA A 132 -8.80 20.80 -4.31
N SER A 133 -9.42 21.04 -5.47
CA SER A 133 -8.67 21.22 -6.71
C SER A 133 -7.78 22.47 -6.69
N LYS A 134 -8.23 23.51 -5.99
CA LYS A 134 -7.45 24.75 -5.86
C LYS A 134 -6.26 24.58 -4.92
N ILE A 135 -6.48 23.90 -3.78
CA ILE A 135 -5.40 23.55 -2.86
C ILE A 135 -4.34 22.73 -3.59
N TYR A 136 -4.78 21.71 -4.34
CA TYR A 136 -3.88 20.86 -5.14
C TYR A 136 -3.15 21.66 -6.22
N ALA A 137 -3.84 22.62 -6.84
CA ALA A 137 -3.24 23.47 -7.88
C ALA A 137 -2.06 24.27 -7.35
N ASN A 138 -2.20 24.80 -6.14
CA ASN A 138 -1.15 25.62 -5.51
C ASN A 138 0.00 24.82 -4.89
N GLY A 139 -0.02 23.50 -5.05
CA GLY A 139 1.02 22.62 -4.53
C GLY A 139 0.72 22.00 -3.19
N GLY A 140 -0.55 22.02 -2.79
CA GLY A 140 -1.01 21.39 -1.56
C GLY A 140 -1.32 19.91 -1.73
N VAL A 141 -1.82 19.30 -0.66
CA VAL A 141 -2.13 17.87 -0.63
C VAL A 141 -3.64 17.64 -0.58
N ILE A 142 -4.11 16.68 -1.37
CA ILE A 142 -5.46 16.15 -1.24
C ILE A 142 -5.37 14.76 -0.62
N ALA A 143 -6.07 14.57 0.49
CA ALA A 143 -6.11 13.30 1.19
C ALA A 143 -7.56 12.83 1.32
N ALA A 144 -7.76 11.52 1.29
CA ALA A 144 -9.11 10.94 1.41
C ALA A 144 -9.06 9.51 1.94
N ILE A 145 -9.97 9.19 2.85
CA ILE A 145 -10.06 7.84 3.41
C ILE A 145 -11.44 7.23 3.21
N HIS A 147 -14.66 5.99 2.02
CA HIS A 147 -15.48 6.40 0.86
C HIS A 147 -15.10 7.79 0.38
N GLY A 148 -14.18 8.44 1.08
CA GLY A 148 -13.70 9.78 0.74
C GLY A 148 -13.30 10.00 -0.70
N PRO A 149 -12.58 9.03 -1.31
CA PRO A 149 -12.21 9.14 -2.73
C PRO A 149 -13.37 9.30 -3.72
N LEU A 150 -14.61 9.17 -3.24
CA LEU A 150 -15.77 9.43 -4.10
C LEU A 150 -15.84 10.90 -4.52
N LEU A 151 -15.26 11.77 -3.69
CA LEU A 151 -15.13 13.19 -4.01
C LEU A 151 -14.29 13.41 -5.27
N PHE A 152 -13.51 12.40 -5.64
CA PHE A 152 -12.64 12.48 -6.81
C PHE A 152 -13.42 12.39 -8.13
N ASP A 153 -14.66 11.88 -8.06
CA ASP A 153 -15.50 11.78 -9.24
C ASP A 153 -16.00 13.14 -9.70
N GLY A 154 -15.35 13.67 -10.73
CA GLY A 154 -15.62 15.00 -11.23
C GLY A 154 -14.59 16.00 -10.73
N LEU A 155 -13.64 15.53 -9.94
CA LEU A 155 -12.57 16.39 -9.45
C LEU A 155 -11.59 16.67 -10.58
N ILE A 156 -11.48 17.95 -10.92
CA ILE A 156 -10.81 18.40 -12.12
C ILE A 156 -9.51 19.11 -11.81
N ASP A 157 -8.47 18.82 -12.61
CA ASP A 157 -7.26 19.63 -12.62
C ASP A 157 -7.58 20.94 -13.32
N ILE A 158 -7.47 22.05 -12.58
CA ILE A 158 -7.79 23.38 -13.10
C ILE A 158 -7.09 23.65 -14.45
N LYS A 159 -5.83 23.26 -14.54
CA LYS A 159 -4.99 23.51 -15.70
C LYS A 159 -5.38 22.72 -16.95
N THR A 160 -5.67 21.43 -16.79
CA THR A 160 -5.87 20.54 -17.95
C THR A 160 -7.34 20.24 -18.24
N THR A 161 -8.19 20.47 -17.23
CA THR A 161 -9.63 20.17 -17.28
C THR A 161 -9.95 18.67 -17.17
N ARG A 162 -8.89 17.85 -17.17
CA ARG A 162 -9.00 16.40 -16.99
C ARG A 162 -9.17 16.04 -15.51
N PRO A 163 -9.62 14.80 -15.21
CA PRO A 163 -9.72 14.36 -13.83
C PRO A 163 -8.39 14.47 -13.09
N LEU A 164 -8.45 15.03 -11.89
CA LEU A 164 -7.27 15.24 -11.04
C LEU A 164 -6.54 13.95 -10.72
N ILE A 165 -7.29 12.85 -10.64
CA ILE A 165 -6.70 11.56 -10.24
C ILE A 165 -6.30 10.68 -11.43
N GLU A 166 -6.37 11.22 -12.65
CA GLU A 166 -5.95 10.49 -13.86
C GLU A 166 -4.46 10.14 -13.81
N GLY A 167 -4.16 8.87 -14.03
CA GLY A 167 -2.79 8.37 -14.00
C GLY A 167 -2.25 8.13 -12.60
N LYS A 168 -3.11 8.29 -11.60
CA LYS A 168 -2.74 8.11 -10.21
C LYS A 168 -3.09 6.72 -9.68
N ALA A 169 -2.42 6.31 -8.61
CA ALA A 169 -2.79 5.12 -7.85
C ALA A 169 -3.49 5.56 -6.57
N ILE A 170 -4.65 4.97 -6.30
CA ILE A 170 -5.37 5.25 -5.06
C ILE A 170 -5.83 3.98 -4.36
N THR A 171 -6.12 4.10 -3.06
CA THR A 171 -6.84 3.07 -2.35
C THR A 171 -8.12 3.68 -1.74
N GLY A 172 -8.87 2.87 -0.99
CA GLY A 172 -10.14 3.32 -0.43
C GLY A 172 -10.99 2.09 -0.12
N PHE A 173 -12.23 2.31 0.33
CA PHE A 173 -13.06 1.19 0.74
C PHE A 173 -13.42 0.24 -0.40
N PRO A 174 -12.97 -1.03 -0.29
CA PRO A 174 -13.12 -2.03 -1.34
C PRO A 174 -14.55 -2.58 -1.42
N LEU A 175 -14.90 -3.14 -2.57
CA LEU A 175 -16.21 -3.77 -2.76
C LEU A 175 -16.41 -4.93 -1.78
N GLU A 176 -15.34 -5.70 -1.52
CA GLU A 176 -15.40 -6.83 -0.59
C GLU A 176 -15.83 -6.39 0.81
N GLY A 177 -15.49 -5.14 1.17
CA GLY A 177 -15.89 -4.56 2.44
C GLY A 177 -17.39 -4.34 2.53
N GLU A 178 -17.98 -3.87 1.42
CA GLU A 178 -19.41 -3.63 1.34
C GLU A 178 -20.21 -4.94 1.41
N ILE A 179 -19.69 -5.97 0.74
CA ILE A 179 -20.29 -7.31 0.77
C ILE A 179 -20.25 -7.88 2.19
N ALA A 180 -19.10 -7.74 2.85
CA ALA A 180 -18.95 -8.18 4.22
C ALA A 180 -19.94 -7.47 5.16
N LEU A 181 -20.18 -6.19 4.89
CA LEU A 181 -21.12 -5.40 5.70
C LEU A 181 -22.58 -5.65 5.30
N GLY A 182 -22.78 -6.32 4.17
CA GLY A 182 -24.12 -6.64 3.68
C GLY A 182 -24.85 -5.46 3.05
N VAL A 183 -24.08 -4.50 2.54
CA VAL A 183 -24.65 -3.28 1.97
C VAL A 183 -24.45 -3.17 0.45
N ASP A 184 -23.86 -4.19 -0.15
CA ASP A 184 -23.62 -4.20 -1.60
C ASP A 184 -24.94 -4.24 -2.39
N ASP A 185 -25.97 -4.81 -1.78
CA ASP A 185 -27.32 -4.83 -2.36
C ASP A 185 -27.95 -3.44 -2.31
N ILE A 186 -27.69 -2.72 -1.23
CA ILE A 186 -28.13 -1.32 -1.07
C ILE A 186 -27.47 -0.43 -2.13
N LEU A 187 -26.22 -0.71 -2.46
CA LEU A 187 -25.49 0.00 -3.50
C LEU A 187 -26.19 -0.13 -4.86
N ARG A 188 -26.70 -1.32 -5.15
CA ARG A 188 -27.43 -1.59 -6.39
C ARG A 188 -28.84 -0.96 -6.37
N SER A 189 -29.53 -1.10 -5.23
CA SER A 189 -30.88 -0.56 -5.07
C SER A 189 -30.92 0.96 -5.18
N ARG A 190 -29.97 1.63 -4.54
CA ARG A 190 -29.95 3.10 -4.46
C ARG A 190 -29.03 3.73 -5.52
N LYS A 191 -28.54 2.89 -6.44
CA LYS A 191 -27.65 3.31 -7.54
C LYS A 191 -26.43 4.10 -7.05
N LEU A 192 -25.75 3.52 -6.08
CA LEU A 192 -24.52 4.10 -5.52
C LEU A 192 -23.31 3.36 -6.10
N THR A 193 -22.14 3.99 -6.00
CA THR A 193 -20.94 3.46 -6.64
C THR A 193 -19.89 2.94 -5.63
N THR A 194 -18.72 2.55 -6.13
CA THR A 194 -17.58 2.18 -5.29
C THR A 194 -16.38 3.06 -5.63
N VAL A 195 -15.39 3.09 -4.73
CA VAL A 195 -14.14 3.81 -4.98
C VAL A 195 -13.42 3.25 -6.21
N GLU A 196 -13.40 1.91 -6.33
CA GLU A 196 -12.80 1.22 -7.47
C GLU A 196 -13.40 1.67 -8.81
N ARG A 197 -14.73 1.78 -8.86
CA ARG A 197 -15.41 2.28 -10.06
C ARG A 197 -15.00 3.72 -10.38
N VAL A 198 -14.93 4.56 -9.35
CA VAL A 198 -14.52 5.96 -9.50
C VAL A 198 -13.08 6.06 -10.02
N ALA A 199 -12.22 5.16 -9.53
CA ALA A 199 -10.84 5.07 -10.00
C ALA A 199 -10.76 4.79 -11.50
N ASN A 200 -11.44 3.73 -11.94
CA ASN A 200 -11.43 3.31 -13.35
C ASN A 200 -12.14 4.30 -14.27
N LYS A 201 -13.16 4.97 -13.75
CA LYS A 201 -13.94 5.97 -14.48
C LYS A 201 -13.09 7.22 -14.76
N ASN A 202 -12.16 7.51 -13.85
CA ASN A 202 -11.36 8.72 -13.92
C ASN A 202 -9.87 8.48 -14.28
N GLY A 203 -9.59 7.35 -14.90
CA GLY A 203 -8.25 7.03 -15.40
C GLY A 203 -7.24 6.62 -14.35
N ALA A 204 -7.68 6.44 -13.11
CA ALA A 204 -6.81 6.03 -12.02
C ALA A 204 -6.78 4.52 -11.84
N LYS A 205 -5.77 4.02 -11.13
CA LYS A 205 -5.69 2.62 -10.76
C LYS A 205 -6.05 2.46 -9.28
N TYR A 206 -6.90 1.47 -8.98
CA TYR A 206 -7.29 1.18 -7.61
C TYR A 206 -6.50 0.00 -7.03
N LEU A 207 -5.90 0.23 -5.87
CA LEU A 207 -5.11 -0.81 -5.20
C LEU A 207 -5.76 -1.23 -3.90
N ALA A 208 -6.02 -2.52 -3.77
CA ALA A 208 -6.81 -3.06 -2.66
C ALA A 208 -5.98 -3.48 -1.44
N PRO A 209 -6.55 -3.33 -0.23
CA PRO A 209 -5.94 -3.96 0.94
C PRO A 209 -6.22 -5.46 0.91
N ILE A 210 -5.50 -6.22 1.73
CA ILE A 210 -5.76 -7.64 1.87
C ILE A 210 -7.14 -7.84 2.51
N HIS A 211 -7.40 -7.09 3.57
CA HIS A 211 -8.68 -7.12 4.26
C HIS A 211 -9.27 -5.72 4.37
N PRO A 212 -10.62 -5.61 4.37
CA PRO A 212 -11.31 -4.31 4.45
C PRO A 212 -11.05 -3.53 5.73
N TRP A 213 -10.58 -4.21 6.78
CA TRP A 213 -10.37 -3.58 8.08
C TRP A 213 -8.93 -3.16 8.36
N ASP A 214 -8.03 -3.44 7.40
CA ASP A 214 -6.59 -3.17 7.56
C ASP A 214 -6.25 -1.69 7.54
N ASP A 215 -5.18 -1.34 8.25
CA ASP A 215 -4.56 -0.03 8.11
C ASP A 215 -3.74 -0.04 6.83
N TYR A 216 -4.29 0.53 5.77
CA TYR A 216 -3.66 0.51 4.46
C TYR A 216 -3.74 1.88 3.80
N SER A 217 -2.59 2.34 3.28
CA SER A 217 -2.44 3.70 2.76
C SER A 217 -1.53 3.78 1.54
N ILE A 218 -1.75 4.80 0.71
CA ILE A 218 -0.95 5.06 -0.50
C ILE A 218 -0.62 6.55 -0.63
N THR A 219 0.65 6.84 -0.87
CA THR A 219 1.07 8.17 -1.30
C THR A 219 1.48 8.10 -2.77
N ASP A 220 0.79 8.87 -3.60
CA ASP A 220 1.15 9.04 -4.99
C ASP A 220 1.32 10.54 -5.26
N GLY A 221 2.54 11.03 -5.04
CA GLY A 221 2.83 12.44 -5.18
C GLY A 221 2.22 13.19 -4.01
N LYS A 222 1.29 14.10 -4.32
CA LYS A 222 0.57 14.85 -3.28
C LYS A 222 -0.91 14.45 -3.20
N LEU A 223 -1.21 13.27 -3.73
CA LEU A 223 -2.53 12.66 -3.58
C LEU A 223 -2.42 11.44 -2.65
N VAL A 224 -3.10 11.52 -1.51
CA VAL A 224 -2.97 10.51 -0.46
C VAL A 224 -4.31 9.86 -0.13
N THR A 225 -4.34 8.52 -0.13
CA THR A 225 -5.57 7.78 0.17
C THR A 225 -5.42 6.68 1.23
N GLY A 226 -6.54 6.34 1.88
CA GLY A 226 -6.58 5.30 2.91
C GLY A 226 -7.86 4.49 2.85
N VAL A 227 -7.85 3.29 3.41
CA VAL A 227 -8.98 2.36 3.26
C VAL A 227 -10.17 2.63 4.19
N ASN A 228 -9.88 3.07 5.43
CA ASN A 228 -10.88 3.13 6.49
C ASN A 228 -10.46 4.02 7.66
N ALA A 229 -11.26 4.02 8.72
CA ALA A 229 -10.93 4.74 9.96
C ALA A 229 -9.66 4.20 10.63
N ASN A 230 -9.46 2.89 10.55
CA ASN A 230 -8.22 2.26 11.02
C ASN A 230 -6.99 2.77 10.25
N SER A 231 -7.23 3.44 9.11
CA SER A 231 -6.18 4.01 8.29
C SER A 231 -6.08 5.53 8.43
N SER A 232 -6.94 6.12 9.25
CA SER A 232 -7.04 7.58 9.35
C SER A 232 -5.74 8.25 9.83
N TYR A 233 -5.14 7.69 10.89
CA TYR A 233 -3.86 8.17 11.43
C TYR A 233 -2.75 8.10 10.39
N SER A 234 -2.60 6.94 9.76
CA SER A 234 -1.53 6.70 8.78
C SER A 234 -1.67 7.59 7.55
N THR A 235 -2.91 7.79 7.12
CA THR A 235 -3.20 8.62 5.96
C THR A 235 -2.92 10.10 6.27
N THR A 236 -3.12 10.49 7.52
CA THR A 236 -2.85 11.86 7.95
C THR A 236 -1.33 12.12 7.99
N ILE A 237 -0.59 11.15 8.52
CA ILE A 237 0.87 11.18 8.50
C ILE A 237 1.38 11.25 7.05
N ARG A 238 0.81 10.42 6.17
CA ARG A 238 1.16 10.45 4.75
C ARG A 238 0.92 11.82 4.13
N ALA A 239 -0.19 12.46 4.49
CA ALA A 239 -0.56 13.78 3.99
C ALA A 239 0.46 14.85 4.40
N ILE A 240 0.89 14.81 5.66
CA ILE A 240 1.87 15.75 6.20
C ILE A 240 3.24 15.56 5.53
N ASN A 241 3.68 14.30 5.44
CA ASN A 241 4.91 13.96 4.72
C ASN A 241 4.88 14.42 3.26
N ALA A 242 3.75 14.20 2.59
CA ALA A 242 3.59 14.55 1.17
C ALA A 242 3.70 16.04 0.92
N LEU A 243 3.20 16.84 1.87
CA LEU A 243 3.23 18.30 1.76
C LEU A 243 4.65 18.85 1.67
N TYR A 244 5.58 18.18 2.35
CA TYR A 244 6.96 18.62 2.40
C TYR A 244 7.86 17.86 1.42
N SER A 245 7.25 17.01 0.61
CA SER A 245 7.98 16.25 -0.41
C SER A 245 8.16 17.07 -1.68
N PRO B 11 0.65 -30.72 -5.59
CA PRO B 11 -0.22 -30.25 -6.68
C PRO B 11 0.15 -28.83 -7.16
N LYS B 12 0.04 -27.85 -6.27
CA LYS B 12 0.39 -26.45 -6.58
C LYS B 12 1.78 -26.16 -6.06
N ARG B 13 2.62 -25.59 -6.90
CA ARG B 13 4.02 -25.37 -6.56
C ARG B 13 4.42 -23.90 -6.65
N ALA B 14 5.28 -23.48 -5.71
CA ALA B 14 5.82 -22.13 -5.66
C ALA B 14 7.34 -22.17 -5.74
N LEU B 15 7.93 -21.15 -6.34
CA LEU B 15 9.38 -21.06 -6.47
C LEU B 15 9.90 -19.77 -5.84
N ILE B 16 10.75 -19.94 -4.83
CA ILE B 16 11.36 -18.80 -4.14
C ILE B 16 12.82 -18.66 -4.61
N SER B 17 13.13 -17.52 -5.21
CA SER B 17 14.50 -17.23 -5.63
C SER B 17 15.31 -16.54 -4.54
N LEU B 18 16.59 -16.90 -4.48
CA LEU B 18 17.55 -16.28 -3.58
C LEU B 18 18.56 -15.50 -4.39
N THR B 19 19.12 -14.45 -3.80
CA THR B 19 20.24 -13.76 -4.43
C THR B 19 21.47 -14.68 -4.48
N SER B 20 22.19 -14.64 -5.59
CA SER B 20 23.37 -15.48 -5.80
C SER B 20 24.61 -14.89 -5.16
N TYR B 21 24.62 -13.56 -5.05
CA TYR B 21 25.80 -12.82 -4.61
C TYR B 21 25.92 -12.85 -3.09
N HIS B 22 27.12 -13.18 -2.62
CA HIS B 22 27.44 -13.11 -1.19
C HIS B 22 28.86 -12.64 -0.95
N GLY B 23 29.27 -11.62 -1.71
CA GLY B 23 30.61 -11.05 -1.63
C GLY B 23 30.65 -9.72 -0.90
N PRO B 24 31.73 -8.93 -1.10
CA PRO B 24 31.95 -7.66 -0.39
C PRO B 24 30.85 -6.63 -0.64
N PHE B 25 30.54 -5.85 0.40
CA PHE B 25 29.54 -4.79 0.31
C PHE B 25 29.77 -3.72 1.38
N TYR B 26 29.78 -4.14 2.64
CA TYR B 26 29.91 -3.23 3.79
C TYR B 26 31.32 -2.69 3.99
N LYS B 27 31.40 -1.50 4.60
CA LYS B 27 32.68 -0.81 4.84
C LYS B 27 33.52 -1.52 5.89
N ASP B 28 32.86 -2.26 6.78
CA ASP B 28 33.55 -2.96 7.87
C ASP B 28 34.14 -4.31 7.43
N GLY B 29 34.06 -4.59 6.12
CA GLY B 29 34.62 -5.81 5.54
C GLY B 29 33.64 -6.97 5.44
N ALA B 30 32.48 -6.81 6.03
CA ALA B 30 31.46 -7.87 6.03
C ALA B 30 30.84 -8.10 4.65
N LYS B 31 30.61 -9.36 4.33
CA LYS B 31 29.97 -9.74 3.08
C LYS B 31 28.45 -9.66 3.19
N THR B 32 27.80 -9.36 2.07
CA THR B 32 26.33 -9.35 2.03
C THR B 32 25.79 -10.71 1.53
N GLY B 33 24.49 -10.77 1.26
CA GLY B 33 23.87 -11.99 0.76
C GLY B 33 22.38 -12.05 1.08
N VAL B 34 21.93 -13.26 1.40
CA VAL B 34 20.51 -13.51 1.69
C VAL B 34 20.17 -13.08 3.12
N PHE B 35 18.98 -12.48 3.29
CA PHE B 35 18.40 -12.30 4.61
C PHE B 35 17.44 -13.47 4.87
N VAL B 36 17.89 -14.39 5.72
CA VAL B 36 17.22 -15.68 5.96
C VAL B 36 15.74 -15.57 6.35
N VAL B 37 15.39 -14.53 7.12
CA VAL B 37 14.02 -14.33 7.59
C VAL B 37 13.06 -14.22 6.41
N GLU B 38 13.53 -13.66 5.31
CA GLU B 38 12.73 -13.52 4.09
C GLU B 38 12.27 -14.87 3.53
N ILE B 39 13.20 -15.81 3.38
CA ILE B 39 12.88 -17.13 2.83
C ILE B 39 12.18 -18.05 3.82
N LEU B 40 12.52 -17.91 5.10
CA LEU B 40 11.88 -18.72 6.16
C LEU B 40 10.40 -18.43 6.26
N ARG B 41 10.04 -17.15 6.29
CA ARG B 41 8.67 -16.72 6.49
C ARG B 41 7.79 -16.97 5.26
N SER B 42 8.35 -16.76 4.07
CA SER B 42 7.61 -16.98 2.83
C SER B 42 7.38 -18.47 2.55
N PHE B 43 8.39 -19.29 2.79
CA PHE B 43 8.31 -20.74 2.64
C PHE B 43 7.19 -21.32 3.51
N ASP B 44 7.22 -20.99 4.80
CA ASP B 44 6.23 -21.43 5.78
C ASP B 44 4.81 -21.06 5.37
N THR B 45 4.61 -19.81 4.95
CA THR B 45 3.31 -19.31 4.57
C THR B 45 2.77 -20.02 3.32
N PHE B 46 3.66 -20.23 2.34
CA PHE B 46 3.32 -21.02 1.16
C PHE B 46 2.91 -22.45 1.55
N GLU B 47 3.73 -23.10 2.39
CA GLU B 47 3.49 -24.49 2.80
C GLU B 47 2.19 -24.66 3.59
N LYS B 48 1.94 -23.76 4.55
CA LYS B 48 0.72 -23.78 5.36
C LYS B 48 -0.56 -23.58 4.53
N HIS B 49 -0.40 -23.00 3.34
CA HIS B 49 -1.52 -22.81 2.43
C HIS B 49 -1.56 -23.87 1.33
N GLY B 50 -0.80 -24.95 1.52
CA GLY B 50 -0.84 -26.12 0.65
C GLY B 50 0.03 -26.08 -0.60
N PHE B 51 0.96 -25.14 -0.66
CA PHE B 51 1.92 -25.06 -1.76
C PHE B 51 3.18 -25.84 -1.44
N GLU B 52 3.62 -26.69 -2.38
CA GLU B 52 4.95 -27.29 -2.30
C GLU B 52 5.94 -26.26 -2.81
N VAL B 53 7.05 -26.10 -2.10
CA VAL B 53 7.98 -24.99 -2.36
C VAL B 53 9.40 -25.46 -2.67
N ASP B 54 9.95 -24.94 -3.77
CA ASP B 54 11.34 -25.16 -4.15
C ASP B 54 12.10 -23.85 -4.13
N PHE B 55 13.41 -23.92 -3.86
CA PHE B 55 14.29 -22.76 -3.91
C PHE B 55 15.12 -22.73 -5.20
N VAL B 56 15.64 -21.56 -5.54
CA VAL B 56 16.46 -21.36 -6.74
C VAL B 56 17.31 -20.09 -6.61
N SER B 57 18.48 -20.10 -7.24
CA SER B 57 19.27 -18.91 -7.48
C SER B 57 19.85 -18.98 -8.90
N GLU B 58 20.43 -17.88 -9.37
CA GLU B 58 20.98 -17.84 -10.73
C GLU B 58 22.20 -18.77 -10.92
N THR B 59 22.99 -18.94 -9.85
CA THR B 59 24.20 -19.78 -9.91
C THR B 59 23.98 -21.15 -9.28
N GLY B 60 22.97 -21.26 -8.43
CA GLY B 60 22.75 -22.47 -7.63
C GLY B 60 23.38 -22.33 -6.26
N GLY B 61 24.12 -21.26 -6.06
CA GLY B 61 24.77 -20.97 -4.78
C GLY B 61 24.20 -19.74 -4.11
N PHE B 62 24.49 -19.59 -2.82
CA PHE B 62 24.04 -18.44 -2.02
C PHE B 62 24.88 -18.35 -0.74
N GLY B 63 24.64 -17.29 0.04
CA GLY B 63 25.27 -17.12 1.34
C GLY B 63 24.49 -16.13 2.18
N TRP B 64 24.52 -16.32 3.51
CA TRP B 64 23.83 -15.41 4.43
C TRP B 64 24.60 -14.10 4.52
N ASP B 65 23.86 -12.98 4.52
CA ASP B 65 24.44 -11.68 4.79
C ASP B 65 25.02 -11.68 6.22
N GLU B 66 26.29 -11.26 6.32
CA GLU B 66 27.04 -11.40 7.58
C GLU B 66 26.61 -10.40 8.67
N HIS B 67 25.84 -9.39 8.28
CA HIS B 67 25.23 -8.47 9.24
C HIS B 67 23.87 -9.00 9.71
N TYR B 68 23.40 -10.06 9.04
CA TYR B 68 22.11 -10.66 9.37
C TYR B 68 22.22 -12.18 9.44
N LEU B 69 23.19 -12.67 10.20
CA LEU B 69 23.38 -14.10 10.40
C LEU B 69 22.18 -14.71 11.11
N PRO B 70 21.69 -15.87 10.62
CA PRO B 70 20.47 -16.51 11.12
C PRO B 70 20.36 -16.56 12.64
N LYS B 71 21.40 -17.03 13.32
CA LYS B 71 21.40 -17.18 14.78
C LYS B 71 21.09 -15.87 15.54
N SER B 72 21.40 -14.74 14.91
CA SER B 72 21.21 -13.42 15.52
C SER B 72 19.83 -12.81 15.22
N PHE B 73 19.06 -13.46 14.36
CA PHE B 73 17.81 -12.86 13.88
C PHE B 73 16.57 -13.77 13.86
N ILE B 74 16.73 -15.04 14.25
CA ILE B 74 15.60 -15.98 14.22
C ILE B 74 15.18 -16.47 15.61
N GLY B 75 13.88 -16.77 15.74
CA GLY B 75 13.31 -17.28 16.98
C GLY B 75 12.05 -18.09 16.73
N GLY B 76 11.51 -18.69 17.79
CA GLY B 76 10.29 -19.50 17.69
C GLY B 76 10.42 -20.63 16.69
N GLU B 77 9.36 -20.87 15.93
CA GLU B 77 9.39 -21.97 14.97
C GLU B 77 10.19 -21.64 13.69
N ASP B 78 10.56 -20.37 13.53
CA ASP B 78 11.54 -19.97 12.51
C ASP B 78 12.90 -20.55 12.87
N LYS B 79 13.29 -20.39 14.13
CA LYS B 79 14.51 -20.99 14.67
C LYS B 79 14.45 -22.51 14.55
N MET B 80 13.31 -23.08 14.94
CA MET B 80 13.10 -24.52 14.89
C MET B 80 13.22 -25.06 13.46
N ASN B 81 12.51 -24.41 12.53
CA ASN B 81 12.55 -24.80 11.12
C ASN B 81 13.94 -24.71 10.50
N PHE B 82 14.70 -23.70 10.91
CA PHE B 82 16.07 -23.52 10.43
C PHE B 82 17.04 -24.56 11.02
N GLU B 83 16.90 -24.84 12.31
CA GLU B 83 17.86 -25.69 13.03
C GLU B 83 17.55 -27.20 12.99
N THR B 84 16.33 -27.57 12.63
CA THR B 84 15.96 -28.98 12.52
C THR B 84 16.44 -29.56 11.18
N LYS B 85 17.34 -30.53 11.27
CA LYS B 85 18.07 -31.05 10.11
C LYS B 85 17.20 -31.53 8.95
N ASN B 86 16.11 -32.22 9.25
CA ASN B 86 15.25 -32.75 8.19
C ASN B 86 13.88 -32.07 8.05
N SER B 87 13.79 -30.83 8.48
CA SER B 87 12.59 -30.02 8.28
C SER B 87 12.39 -29.74 6.80
N ALA B 88 11.14 -29.47 6.41
CA ALA B 88 10.78 -29.16 5.03
C ALA B 88 11.60 -28.00 4.46
N PHE B 89 11.87 -26.99 5.29
CA PHE B 89 12.70 -25.84 4.89
C PHE B 89 14.12 -26.26 4.50
N ASN B 90 14.77 -27.02 5.37
CA ASN B 90 16.14 -27.48 5.13
C ASN B 90 16.28 -28.44 3.95
N LYS B 91 15.30 -29.33 3.80
CA LYS B 91 15.27 -30.27 2.68
C LYS B 91 15.18 -29.55 1.33
N ALA B 92 14.39 -28.49 1.29
CA ALA B 92 14.25 -27.68 0.07
C ALA B 92 15.46 -26.80 -0.18
N LEU B 93 16.08 -26.30 0.89
CA LEU B 93 17.26 -25.43 0.78
C LEU B 93 18.51 -26.20 0.34
N ALA B 94 18.67 -27.42 0.83
CA ALA B 94 19.74 -28.31 0.39
C ALA B 94 19.52 -28.75 -1.06
N ARG B 95 18.27 -28.69 -1.52
CA ARG B 95 17.91 -29.02 -2.89
C ARG B 95 17.83 -27.79 -3.82
N ILE B 96 18.39 -26.66 -3.37
CA ILE B 96 18.35 -25.42 -4.16
C ILE B 96 18.76 -25.64 -5.62
N LYS B 97 17.88 -25.23 -6.51
CA LYS B 97 18.09 -25.44 -7.95
C LYS B 97 18.91 -24.32 -8.58
N THR B 98 19.53 -24.64 -9.71
CA THR B 98 20.21 -23.65 -10.54
C THR B 98 19.20 -23.20 -11.60
N ALA B 99 19.12 -21.89 -11.81
CA ALA B 99 18.05 -21.28 -12.60
C ALA B 99 17.87 -21.83 -14.01
N ASN B 100 18.97 -22.02 -14.74
CA ASN B 100 18.92 -22.53 -16.11
C ASN B 100 18.45 -23.98 -16.24
N GLU B 101 18.34 -24.67 -15.11
CA GLU B 101 17.92 -26.07 -15.08
C GLU B 101 16.44 -26.24 -14.72
N VAL B 102 15.82 -25.14 -14.30
CA VAL B 102 14.44 -25.16 -13.81
C VAL B 102 13.43 -25.16 -14.95
N ASN B 103 12.39 -25.98 -14.82
CA ASN B 103 11.24 -25.96 -15.74
C ASN B 103 10.16 -25.04 -15.19
N ALA B 104 9.95 -23.92 -15.86
CA ALA B 104 9.03 -22.87 -15.42
C ALA B 104 7.57 -23.33 -15.30
N SER B 105 7.13 -24.22 -16.18
CA SER B 105 5.74 -24.67 -16.25
C SER B 105 5.27 -25.45 -15.01
N ASP B 106 6.21 -25.85 -14.16
CA ASP B 106 5.91 -26.57 -12.92
C ASP B 106 5.34 -25.66 -11.83
N TYR B 107 5.59 -24.36 -11.93
CA TYR B 107 5.26 -23.42 -10.87
C TYR B 107 4.20 -22.40 -11.26
N LYS B 108 3.34 -22.08 -10.30
CA LYS B 108 2.29 -21.08 -10.50
C LYS B 108 2.63 -19.74 -9.84
N VAL B 109 3.61 -19.76 -8.94
CA VAL B 109 4.05 -18.54 -8.26
C VAL B 109 5.58 -18.44 -8.22
N PHE B 110 6.09 -17.29 -8.66
CA PHE B 110 7.50 -16.94 -8.50
C PHE B 110 7.62 -15.87 -7.40
N PHE B 111 8.55 -16.09 -6.48
CA PHE B 111 8.73 -15.22 -5.32
C PHE B 111 10.21 -14.88 -5.20
N ALA B 112 10.53 -13.61 -5.40
CA ALA B 112 11.91 -13.17 -5.28
C ALA B 112 12.20 -12.59 -3.90
N SER B 113 12.89 -13.38 -3.09
CA SER B 113 13.44 -12.91 -1.83
C SER B 113 14.73 -12.15 -2.12
N ALA B 114 15.24 -11.43 -1.13
CA ALA B 114 16.42 -10.59 -1.36
C ALA B 114 17.40 -10.52 -0.19
N GLY B 115 17.69 -9.29 0.23
CA GLY B 115 18.88 -8.96 1.00
C GLY B 115 19.74 -8.13 0.07
N HIS B 116 20.67 -7.37 0.62
CA HIS B 116 21.49 -6.47 -0.18
C HIS B 116 22.30 -7.14 -1.30
N GLY B 117 22.45 -8.46 -1.23
CA GLY B 117 23.07 -9.23 -2.31
C GLY B 117 22.35 -9.12 -3.64
N ALA B 118 21.04 -8.87 -3.58
CA ALA B 118 20.22 -8.72 -4.79
C ALA B 118 20.66 -7.53 -5.65
N LEU B 119 21.37 -6.58 -5.05
CA LEU B 119 21.87 -5.39 -5.75
C LEU B 119 22.87 -5.72 -6.84
N PHE B 120 23.48 -6.90 -6.75
CA PHE B 120 24.60 -7.26 -7.62
C PHE B 120 24.20 -8.18 -8.78
N ASP B 121 23.36 -9.18 -8.50
CA ASP B 121 23.01 -10.19 -9.51
C ASP B 121 21.61 -10.07 -10.10
N TYR B 122 20.65 -9.64 -9.29
CA TYR B 122 19.24 -9.61 -9.71
C TYR B 122 18.93 -8.81 -10.99
N PRO B 123 19.55 -7.62 -11.17
CA PRO B 123 19.27 -6.88 -12.42
C PRO B 123 19.74 -7.58 -13.70
N LYS B 124 20.62 -8.56 -13.57
CA LYS B 124 21.16 -9.28 -14.73
C LYS B 124 20.97 -10.79 -14.68
N ALA B 125 20.08 -11.26 -13.80
CA ALA B 125 19.81 -12.68 -13.65
C ALA B 125 18.82 -13.17 -14.71
N LYS B 126 19.33 -13.35 -15.92
CA LYS B 126 18.52 -13.62 -17.11
C LYS B 126 17.75 -14.94 -17.07
N ASN B 127 18.31 -15.94 -16.40
CA ASN B 127 17.62 -17.21 -16.24
C ASN B 127 16.45 -17.12 -15.26
N LEU B 128 16.67 -16.47 -14.12
CA LEU B 128 15.59 -16.19 -13.17
C LEU B 128 14.50 -15.37 -13.85
N GLN B 129 14.92 -14.37 -14.64
CA GLN B 129 14.02 -13.52 -15.39
C GLN B 129 13.18 -14.30 -16.40
N ASP B 130 13.78 -15.33 -17.00
CA ASP B 130 13.09 -16.20 -17.95
C ASP B 130 11.99 -17.03 -17.28
N ILE B 131 12.34 -17.66 -16.16
CA ILE B 131 11.39 -18.46 -15.37
C ILE B 131 10.19 -17.62 -14.96
N ALA B 132 10.46 -16.44 -14.38
CA ALA B 132 9.40 -15.55 -13.90
C ALA B 132 8.44 -15.11 -15.02
N SER B 133 9.01 -14.67 -16.14
CA SER B 133 8.21 -14.25 -17.31
C SER B 133 7.30 -15.37 -17.82
N LYS B 134 7.84 -16.58 -17.90
CA LYS B 134 7.07 -17.74 -18.33
C LYS B 134 5.93 -18.07 -17.37
N ILE B 135 6.23 -18.09 -16.07
CA ILE B 135 5.21 -18.27 -15.03
C ILE B 135 4.10 -17.22 -15.17
N TYR B 136 4.51 -15.97 -15.40
CA TYR B 136 3.57 -14.87 -15.59
C TYR B 136 2.73 -15.06 -16.85
N ALA B 137 3.37 -15.48 -17.93
CA ALA B 137 2.70 -15.71 -19.22
C ALA B 137 1.66 -16.82 -19.13
N ASN B 138 1.95 -17.84 -18.32
CA ASN B 138 1.04 -18.96 -18.12
C ASN B 138 -0.06 -18.68 -17.07
N GLY B 139 -0.28 -17.41 -16.77
CA GLY B 139 -1.35 -16.98 -15.87
C GLY B 139 -1.04 -17.06 -14.38
N GLY B 140 0.26 -17.17 -14.05
CA GLY B 140 0.71 -17.25 -12.66
C GLY B 140 1.07 -15.90 -12.07
N VAL B 141 1.67 -15.92 -10.89
CA VAL B 141 1.96 -14.72 -10.12
C VAL B 141 3.46 -14.47 -9.93
N ILE B 142 3.86 -13.21 -10.06
CA ILE B 142 5.21 -12.78 -9.72
C ILE B 142 5.18 -11.93 -8.46
N ALA B 143 5.92 -12.37 -7.44
CA ALA B 143 6.04 -11.64 -6.18
C ALA B 143 7.50 -11.34 -5.88
N ALA B 144 7.74 -10.24 -5.17
CA ALA B 144 9.09 -9.84 -4.79
C ALA B 144 9.08 -8.93 -3.57
N ILE B 145 10.04 -9.13 -2.67
CA ILE B 145 10.17 -8.28 -1.48
C ILE B 145 11.56 -7.65 -1.35
N HIS B 147 14.76 -5.86 -1.83
CA HIS B 147 15.52 -5.60 -3.07
C HIS B 147 15.14 -6.56 -4.20
N GLY B 148 14.23 -7.49 -3.90
CA GLY B 148 13.75 -8.47 -4.87
C GLY B 148 13.25 -7.90 -6.21
N PRO B 149 12.52 -6.77 -6.16
CA PRO B 149 12.08 -6.10 -7.40
C PRO B 149 13.20 -5.65 -8.35
N LEU B 150 14.45 -5.72 -7.91
CA LEU B 150 15.58 -5.43 -8.82
C LEU B 150 15.64 -6.44 -9.97
N LEU B 151 15.07 -7.63 -9.74
CA LEU B 151 14.96 -8.66 -10.79
C LEU B 151 14.07 -8.19 -11.95
N PHE B 152 13.22 -7.19 -11.69
CA PHE B 152 12.31 -6.65 -12.70
C PHE B 152 13.05 -5.81 -13.75
N ASP B 153 14.27 -5.38 -13.45
CA ASP B 153 15.05 -4.57 -14.38
C ASP B 153 15.35 -5.37 -15.65
N GLY B 154 14.63 -5.04 -16.72
CA GLY B 154 14.78 -5.74 -17.99
C GLY B 154 13.99 -7.05 -18.06
N LEU B 155 13.04 -7.23 -17.15
CA LEU B 155 12.17 -8.40 -17.18
C LEU B 155 11.10 -8.18 -18.24
N ILE B 156 11.17 -8.97 -19.30
CA ILE B 156 10.30 -8.78 -20.46
C ILE B 156 9.00 -9.60 -20.37
N ASP B 157 7.88 -8.93 -20.61
CA ASP B 157 6.60 -9.59 -20.80
C ASP B 157 6.59 -10.12 -22.23
N ILE B 158 6.46 -11.43 -22.39
CA ILE B 158 6.50 -12.05 -23.72
C ILE B 158 5.31 -11.64 -24.61
N LYS B 159 4.20 -11.27 -23.98
CA LYS B 159 3.02 -10.82 -24.70
C LYS B 159 3.16 -9.41 -25.26
N THR B 160 3.91 -8.55 -24.56
CA THR B 160 4.06 -7.15 -24.96
C THR B 160 5.39 -6.85 -25.65
N THR B 161 6.40 -7.71 -25.41
CA THR B 161 7.78 -7.48 -25.87
C THR B 161 8.48 -6.41 -25.01
N ARG B 162 7.71 -5.73 -24.17
CA ARG B 162 8.22 -4.64 -23.34
C ARG B 162 8.39 -5.10 -21.89
N PRO B 163 9.07 -4.29 -21.04
CA PRO B 163 9.23 -4.66 -19.64
C PRO B 163 7.90 -5.01 -18.96
N LEU B 164 7.92 -6.13 -18.23
CA LEU B 164 6.72 -6.69 -17.60
C LEU B 164 6.04 -5.72 -16.64
N ILE B 165 6.82 -4.92 -15.93
CA ILE B 165 6.28 -4.04 -14.90
C ILE B 165 5.85 -2.66 -15.41
N GLU B 166 5.96 -2.44 -16.72
CA GLU B 166 5.53 -1.19 -17.33
C GLU B 166 4.04 -1.00 -17.18
N GLY B 167 3.64 0.17 -16.66
CA GLY B 167 2.24 0.46 -16.39
C GLY B 167 1.75 -0.11 -15.06
N LYS B 168 2.65 -0.74 -14.30
CA LYS B 168 2.31 -1.37 -13.03
C LYS B 168 2.72 -0.53 -11.83
N ALA B 169 2.05 -0.77 -10.70
CA ALA B 169 2.42 -0.15 -9.43
C ALA B 169 3.19 -1.15 -8.58
N ILE B 170 4.33 -0.72 -8.04
CA ILE B 170 5.13 -1.59 -7.18
C ILE B 170 5.66 -0.88 -5.95
N THR B 171 5.97 -1.66 -4.93
CA THR B 171 6.73 -1.17 -3.79
C THR B 171 8.03 -1.99 -3.65
N GLY B 172 8.83 -1.66 -2.63
CA GLY B 172 10.09 -2.34 -2.39
C GLY B 172 10.95 -1.53 -1.46
N PHE B 173 12.16 -2.01 -1.16
CA PHE B 173 13.01 -1.32 -0.18
C PHE B 173 13.36 0.10 -0.63
N PRO B 174 12.95 1.11 0.17
CA PRO B 174 13.13 2.52 -0.20
C PRO B 174 14.56 3.01 0.05
N LEU B 175 14.98 4.02 -0.72
CA LEU B 175 16.28 4.66 -0.53
C LEU B 175 16.43 5.17 0.91
N GLU B 176 15.34 5.71 1.45
CA GLU B 176 15.25 6.12 2.85
C GLU B 176 15.81 5.04 3.80
N GLY B 177 15.56 3.78 3.45
CA GLY B 177 16.07 2.64 4.21
C GLY B 177 17.58 2.50 4.17
N GLU B 178 18.15 2.68 2.97
CA GLU B 178 19.60 2.63 2.77
C GLU B 178 20.32 3.75 3.53
N ILE B 179 19.71 4.93 3.57
CA ILE B 179 20.27 6.07 4.30
C ILE B 179 20.30 5.79 5.81
N ALA B 180 19.18 5.30 6.34
CA ALA B 180 19.10 4.91 7.76
C ALA B 180 20.13 3.82 8.12
N LEU B 181 20.32 2.86 7.22
CA LEU B 181 21.31 1.80 7.40
C LEU B 181 22.74 2.29 7.18
N GLY B 182 22.89 3.47 6.57
CA GLY B 182 24.19 4.06 6.29
C GLY B 182 24.95 3.37 5.16
N VAL B 183 24.22 2.71 4.26
CA VAL B 183 24.84 2.04 3.12
C VAL B 183 24.60 2.77 1.79
N ASP B 184 23.88 3.90 1.84
CA ASP B 184 23.57 4.67 0.63
C ASP B 184 24.80 5.17 -0.14
N ASP B 185 25.88 5.47 0.60
CA ASP B 185 27.14 5.87 -0.01
C ASP B 185 27.82 4.71 -0.75
N ILE B 186 27.55 3.48 -0.31
CA ILE B 186 28.05 2.28 -0.96
C ILE B 186 27.33 2.06 -2.30
N LEU B 187 26.06 2.44 -2.35
CA LEU B 187 25.29 2.39 -3.59
C LEU B 187 25.86 3.33 -4.65
N ARG B 188 26.41 4.45 -4.21
CA ARG B 188 27.03 5.41 -5.12
C ARG B 188 28.43 4.97 -5.55
N SER B 189 29.24 4.50 -4.59
CA SER B 189 30.59 4.03 -4.85
C SER B 189 30.62 2.86 -5.83
N ARG B 190 29.77 1.86 -5.58
CA ARG B 190 29.75 0.63 -6.36
C ARG B 190 28.74 0.70 -7.51
N LYS B 191 28.18 1.89 -7.72
CA LYS B 191 27.20 2.15 -8.77
C LYS B 191 26.04 1.14 -8.77
N LEU B 192 25.41 1.00 -7.61
CA LEU B 192 24.25 0.13 -7.44
C LEU B 192 22.97 0.96 -7.42
N THR B 193 21.85 0.34 -7.77
CA THR B 193 20.59 1.06 -7.95
C THR B 193 19.63 0.89 -6.76
N THR B 194 18.41 1.41 -6.92
CA THR B 194 17.34 1.22 -5.94
C THR B 194 16.11 0.66 -6.65
N VAL B 195 15.13 0.21 -5.87
CA VAL B 195 13.86 -0.25 -6.42
C VAL B 195 13.13 0.88 -7.15
N GLU B 196 13.07 2.06 -6.52
CA GLU B 196 12.43 3.23 -7.13
C GLU B 196 13.00 3.53 -8.52
N ARG B 197 14.33 3.52 -8.62
CA ARG B 197 15.01 3.76 -9.90
C ARG B 197 14.73 2.68 -10.96
N VAL B 198 14.58 1.43 -10.53
CA VAL B 198 14.21 0.34 -11.44
C VAL B 198 12.77 0.51 -11.94
N ALA B 199 11.86 0.89 -11.03
CA ALA B 199 10.47 1.18 -11.38
C ALA B 199 10.38 2.24 -12.48
N ASN B 200 11.01 3.38 -12.25
CA ASN B 200 10.99 4.51 -13.19
C ASN B 200 11.70 4.22 -14.51
N LYS B 201 12.74 3.40 -14.46
CA LYS B 201 13.49 2.98 -15.65
C LYS B 201 12.67 2.03 -16.54
N ASN B 202 11.82 1.22 -15.92
CA ASN B 202 11.02 0.23 -16.65
C ASN B 202 9.54 0.63 -16.82
N GLY B 203 9.23 1.90 -16.60
CA GLY B 203 7.88 2.42 -16.81
C GLY B 203 6.85 2.09 -15.74
N ALA B 204 7.34 1.73 -14.55
CA ALA B 204 6.47 1.44 -13.40
C ALA B 204 6.40 2.62 -12.45
N LYS B 205 5.36 2.63 -11.61
CA LYS B 205 5.22 3.63 -10.56
C LYS B 205 5.62 3.01 -9.21
N TYR B 206 6.53 3.66 -8.52
CA TYR B 206 6.96 3.21 -7.19
C TYR B 206 6.18 3.91 -6.08
N LEU B 207 5.57 3.10 -5.22
CA LEU B 207 4.80 3.61 -4.08
C LEU B 207 5.50 3.24 -2.77
N ALA B 208 5.86 4.27 -2.01
CA ALA B 208 6.69 4.10 -0.83
C ALA B 208 5.90 3.74 0.43
N PRO B 209 6.52 2.96 1.35
CA PRO B 209 5.97 2.79 2.69
C PRO B 209 6.18 4.07 3.50
N ILE B 210 5.46 4.24 4.61
CA ILE B 210 5.70 5.37 5.51
C ILE B 210 7.09 5.25 6.15
N HIS B 211 7.40 4.05 6.65
CA HIS B 211 8.72 3.77 7.21
C HIS B 211 9.33 2.54 6.53
N PRO B 212 10.68 2.54 6.35
CA PRO B 212 11.38 1.44 5.69
C PRO B 212 11.20 0.07 6.37
N TRP B 213 10.73 0.09 7.62
CA TRP B 213 10.53 -1.14 8.41
C TRP B 213 9.07 -1.62 8.47
N ASP B 214 8.15 -0.88 7.85
CA ASP B 214 6.72 -1.22 7.84
C ASP B 214 6.42 -2.52 7.09
N ASP B 215 5.38 -3.22 7.55
CA ASP B 215 4.77 -4.28 6.77
C ASP B 215 3.94 -3.59 5.70
N TYR B 216 4.46 -3.57 4.48
CA TYR B 216 3.80 -2.84 3.38
C TYR B 216 3.89 -3.64 2.09
N SER B 217 2.74 -3.78 1.43
CA SER B 217 2.64 -4.61 0.23
C SER B 217 1.59 -4.12 -0.76
N ILE B 218 1.81 -4.41 -2.04
CA ILE B 218 0.93 -3.99 -3.13
C ILE B 218 0.54 -5.20 -3.98
N THR B 219 -0.74 -5.30 -4.33
CA THR B 219 -1.19 -6.20 -5.38
C THR B 219 -1.63 -5.36 -6.58
N ASP B 220 -0.97 -5.59 -7.72
CA ASP B 220 -1.40 -5.03 -8.99
C ASP B 220 -1.57 -6.18 -9.96
N GLY B 221 -2.82 -6.58 -10.18
CA GLY B 221 -3.13 -7.76 -10.98
C GLY B 221 -2.44 -8.98 -10.41
N LYS B 222 -1.54 -9.56 -11.20
CA LYS B 222 -0.75 -10.71 -10.75
C LYS B 222 0.72 -10.33 -10.53
N LEU B 223 0.96 -9.05 -10.28
CA LEU B 223 2.27 -8.58 -9.85
C LEU B 223 2.17 -8.10 -8.41
N VAL B 224 2.92 -8.77 -7.53
CA VAL B 224 2.80 -8.57 -6.09
C VAL B 224 4.15 -8.18 -5.49
N THR B 225 4.17 -7.11 -4.69
CA THR B 225 5.42 -6.60 -4.11
C THR B 225 5.33 -6.25 -2.62
N GLY B 226 6.43 -6.44 -1.92
CA GLY B 226 6.54 -6.06 -0.51
C GLY B 226 7.83 -5.31 -0.22
N VAL B 227 7.87 -4.64 0.95
CA VAL B 227 9.00 -3.77 1.30
C VAL B 227 10.17 -4.51 1.94
N ASN B 228 9.89 -5.53 2.75
CA ASN B 228 10.90 -6.19 3.58
C ASN B 228 10.46 -7.52 4.18
N ALA B 229 11.26 -8.03 5.12
CA ALA B 229 10.97 -9.27 5.84
C ALA B 229 9.70 -9.14 6.69
N ASN B 230 9.45 -7.94 7.22
CA ASN B 230 8.22 -7.65 7.94
C ASN B 230 7.00 -7.68 7.01
N SER B 231 7.25 -7.70 5.71
CA SER B 231 6.19 -7.73 4.69
C SER B 231 6.06 -9.07 4.00
N SER B 232 7.00 -9.99 4.27
CA SER B 232 7.04 -11.27 3.56
C SER B 232 5.78 -12.12 3.71
N TYR B 233 5.22 -12.18 4.92
CA TYR B 233 3.96 -12.88 5.15
C TYR B 233 2.82 -12.27 4.32
N SER B 234 2.59 -10.97 4.50
CA SER B 234 1.53 -10.25 3.77
C SER B 234 1.69 -10.34 2.26
N THR B 235 2.94 -10.31 1.79
CA THR B 235 3.24 -10.43 0.36
C THR B 235 2.94 -11.83 -0.17
N THR B 236 3.30 -12.85 0.64
CA THR B 236 3.00 -14.23 0.28
C THR B 236 1.49 -14.48 0.23
N ILE B 237 0.77 -13.92 1.21
CA ILE B 237 -0.70 -14.00 1.24
C ILE B 237 -1.29 -13.32 -0.01
N ARG B 238 -0.80 -12.12 -0.31
CA ARG B 238 -1.20 -11.39 -1.53
C ARG B 238 -0.92 -12.19 -2.80
N ALA B 239 0.23 -12.88 -2.83
CA ALA B 239 0.62 -13.68 -3.99
C ALA B 239 -0.34 -14.85 -4.21
N ILE B 240 -0.68 -15.54 -3.12
CA ILE B 240 -1.63 -16.65 -3.15
C ILE B 240 -3.00 -16.15 -3.61
N ASN B 241 -3.48 -15.06 -2.99
CA ASN B 241 -4.77 -14.46 -3.33
C ASN B 241 -4.86 -14.03 -4.80
N ALA B 242 -3.76 -13.47 -5.32
CA ALA B 242 -3.69 -12.98 -6.70
C ALA B 242 -3.79 -14.09 -7.74
N LEU B 243 -3.35 -15.29 -7.35
CA LEU B 243 -3.39 -16.46 -8.23
C LEU B 243 -4.82 -16.83 -8.62
N TYR B 244 -5.75 -16.62 -7.70
CA TYR B 244 -7.16 -16.94 -7.90
C TYR B 244 -8.01 -15.70 -8.16
N SER B 245 -7.40 -14.67 -8.74
CA SER B 245 -8.08 -13.40 -9.00
C SER B 245 -8.53 -13.26 -10.46
#